data_7KOM
#
_entry.id   7KOM
#
_cell.length_a   33.046
_cell.length_b   71.087
_cell.length_c   106.359
_cell.angle_alpha   90.000
_cell.angle_beta   90.000
_cell.angle_gamma   90.000
#
_symmetry.space_group_name_H-M   'I 2 2 2'
#
loop_
_entity.id
_entity.type
_entity.pdbx_description
1 polymer 'Oxidored_molyb domain-containing protein'
2 non-polymer 'FORMIC ACID'
3 non-polymer 'SODIUM ION'
4 water water
#
_entity_poly.entity_id   1
_entity_poly.type   'polypeptide(L)'
_entity_poly.pdbx_seq_one_letter_code
;SNAYNLQ(MSE)DIPHAPTVVLTVQDLEQ(MSE)EATQYTT(MSE)LPWLSAPATFTGVKLSTLLSQQYGFIPNRVTLRA
LNDYAADIDLSDIEKYQPIVAYRQDGKP(MSE)RVRDKGPFWLIYPQSSFPKELNNERYHSQ(MSE)VWQLKQIHIAK
;
_entity_poly.pdbx_strand_id   A
#
loop_
_chem_comp.id
_chem_comp.type
_chem_comp.name
_chem_comp.formula
FMT non-polymer 'FORMIC ACID' 'C H2 O2'
NA non-polymer 'SODIUM ION' 'Na 1'
#
# COMPACT_ATOMS: atom_id res chain seq x y z
N TYR A 4 8.65 -9.53 9.62
CA TYR A 4 7.50 -8.69 9.17
C TYR A 4 8.00 -7.84 8.01
N ASN A 5 8.13 -8.48 6.85
CA ASN A 5 8.71 -7.86 5.65
C ASN A 5 7.67 -7.82 4.56
N LEU A 6 8.05 -7.33 3.39
CA LEU A 6 7.14 -7.27 2.24
C LEU A 6 7.74 -8.11 1.12
N GLN A 7 7.10 -9.24 0.83
N GLN A 7 7.11 -9.23 0.76
CA GLN A 7 7.52 -10.18 -0.23
CA GLN A 7 7.60 -10.09 -0.34
C GLN A 7 6.90 -9.75 -1.55
C GLN A 7 7.01 -9.56 -1.65
N MSE A 8 7.72 -9.47 -2.56
N MSE A 8 7.86 -9.51 -2.69
CA MSE A 8 7.18 -9.15 -3.87
CA MSE A 8 7.47 -9.05 -4.01
C MSE A 8 7.64 -10.20 -4.86
C MSE A 8 7.71 -10.18 -5.00
O MSE A 8 8.83 -10.41 -5.07
O MSE A 8 8.87 -10.45 -5.33
CB MSE A 8 7.58 -7.74 -4.33
CB MSE A 8 8.32 -7.83 -4.38
CG MSE A 8 7.18 -6.67 -3.36
CG MSE A 8 8.40 -6.76 -3.32
SE MSE A 8 7.50 -4.87 -4.04
SE MSE A 8 6.71 -5.78 -3.14
CE MSE A 8 6.36 -4.63 -5.61
CE MSE A 8 6.19 -5.32 -4.98
N ASP A 9 6.66 -10.89 -5.44
CA ASP A 9 6.86 -11.95 -6.41
C ASP A 9 7.06 -11.31 -7.78
N ILE A 10 8.20 -11.57 -8.41
CA ILE A 10 8.60 -10.98 -9.72
C ILE A 10 8.58 -12.08 -10.79
N PRO A 11 7.89 -11.87 -11.94
CA PRO A 11 7.74 -12.88 -12.99
C PRO A 11 8.96 -13.71 -13.41
N HIS A 12 10.00 -13.06 -13.92
CA HIS A 12 11.23 -13.70 -14.48
C HIS A 12 12.47 -13.28 -13.68
N ALA A 13 12.30 -13.09 -12.38
CA ALA A 13 13.39 -12.71 -11.45
C ALA A 13 13.08 -13.30 -10.09
N PRO A 14 14.08 -13.41 -9.20
CA PRO A 14 13.84 -13.90 -7.85
C PRO A 14 12.87 -13.01 -7.07
N THR A 15 12.14 -13.61 -6.15
CA THR A 15 11.23 -12.92 -5.23
C THR A 15 12.08 -11.97 -4.40
N VAL A 16 11.66 -10.73 -4.25
CA VAL A 16 12.42 -9.74 -3.45
C VAL A 16 11.73 -9.57 -2.10
N VAL A 17 12.52 -9.55 -1.05
CA VAL A 17 12.01 -9.34 0.33
C VAL A 17 12.46 -7.94 0.73
N LEU A 18 11.50 -7.03 0.86
CA LEU A 18 11.77 -5.63 1.24
C LEU A 18 11.48 -5.46 2.72
N THR A 19 12.35 -4.70 3.37
CA THR A 19 12.17 -4.35 4.78
C THR A 19 11.51 -2.98 4.89
N VAL A 20 11.07 -2.65 6.09
CA VAL A 20 10.55 -1.28 6.33
C VAL A 20 11.65 -0.27 6.02
N GLN A 21 12.91 -0.59 6.33
CA GLN A 21 14.03 0.32 6.04
C GLN A 21 14.13 0.54 4.53
N ASP A 22 13.99 -0.53 3.75
CA ASP A 22 14.05 -0.39 2.27
C ASP A 22 13.00 0.63 1.81
N LEU A 23 11.78 0.57 2.36
CA LEU A 23 10.75 1.54 1.92
C LEU A 23 11.10 2.94 2.41
N GLU A 24 11.66 3.07 3.60
CA GLU A 24 12.07 4.41 4.12
C GLU A 24 13.14 5.05 3.23
N GLN A 25 13.90 4.24 2.49
N GLN A 25 13.89 4.23 2.48
CA GLN A 25 14.97 4.77 1.61
CA GLN A 25 14.98 4.70 1.59
C GLN A 25 14.46 5.11 0.20
C GLN A 25 14.47 5.03 0.18
N MSE A 26 13.16 4.91 -0.04
CA MSE A 26 12.55 5.30 -1.31
C MSE A 26 11.91 6.68 -1.15
O MSE A 26 11.81 7.20 -0.03
CB MSE A 26 11.48 4.28 -1.73
CG MSE A 26 12.05 2.89 -1.94
SE MSE A 26 10.69 1.54 -2.34
CE MSE A 26 11.62 -0.12 -1.98
N GLU A 27 11.48 7.28 -2.26
CA GLU A 27 10.82 8.57 -2.20
C GLU A 27 9.60 8.51 -1.28
N ALA A 28 9.49 9.46 -0.36
CA ALA A 28 8.38 9.53 0.62
C ALA A 28 7.24 10.38 0.05
N THR A 29 6.03 9.92 0.29
CA THR A 29 4.77 10.61 -0.01
C THR A 29 3.94 10.65 1.27
N GLN A 30 3.32 11.77 1.56
N GLN A 30 3.35 11.79 1.56
CA GLN A 30 2.45 11.92 2.74
CA GLN A 30 2.46 11.93 2.74
C GLN A 30 1.03 12.30 2.34
C GLN A 30 1.03 12.24 2.27
N TYR A 31 0.06 11.61 2.92
CA TYR A 31 -1.37 11.92 2.74
C TYR A 31 -1.99 12.09 4.11
N THR A 32 -2.86 13.07 4.25
CA THR A 32 -3.69 13.25 5.47
C THR A 32 -5.12 12.93 5.08
N THR A 33 -5.74 11.98 5.78
CA THR A 33 -7.08 11.52 5.40
C THR A 33 -7.81 10.96 6.61
N MSE A 34 -9.13 11.06 6.51
CA MSE A 34 -10.00 10.26 7.35
C MSE A 34 -10.17 8.89 6.69
O MSE A 34 -10.00 8.75 5.48
CB MSE A 34 -11.37 10.95 7.53
CG MSE A 34 -12.25 10.33 8.58
SE MSE A 34 -11.41 10.13 10.34
CE MSE A 34 -12.80 9.23 11.34
N LEU A 35 -10.46 7.89 7.52
CA LEU A 35 -10.73 6.52 7.10
C LEU A 35 -11.71 5.93 8.07
N PRO A 36 -12.44 4.85 7.73
CA PRO A 36 -13.45 4.32 8.64
C PRO A 36 -12.88 3.72 9.94
N TRP A 37 -11.60 3.34 9.94
CA TRP A 37 -10.99 2.66 11.10
C TRP A 37 -10.33 3.67 12.04
N LEU A 38 -10.32 4.95 11.70
CA LEU A 38 -9.66 5.98 12.52
C LEU A 38 -10.68 6.72 13.37
N SER A 39 -10.20 7.26 14.49
N SER A 39 -10.23 7.27 14.50
CA SER A 39 -10.97 8.09 15.44
CA SER A 39 -11.08 8.11 15.37
C SER A 39 -10.87 9.57 15.06
C SER A 39 -11.01 9.57 14.88
N ALA A 40 -9.91 9.93 14.23
CA ALA A 40 -9.65 11.29 13.75
C ALA A 40 -8.76 11.16 12.54
N PRO A 41 -8.75 12.13 11.62
N PRO A 41 -8.71 12.18 11.67
CA PRO A 41 -7.88 12.01 10.47
CA PRO A 41 -7.85 12.12 10.50
C PRO A 41 -6.42 11.86 10.93
C PRO A 41 -6.38 11.94 10.89
N ALA A 42 -5.64 11.15 10.11
CA ALA A 42 -4.22 10.88 10.39
C ALA A 42 -3.40 11.20 9.16
N THR A 43 -2.12 11.44 9.40
CA THR A 43 -1.15 11.69 8.33
C THR A 43 -0.29 10.44 8.15
N PHE A 44 -0.34 9.86 6.97
CA PHE A 44 0.42 8.65 6.63
C PHE A 44 1.62 9.02 5.78
N THR A 45 2.76 8.40 6.08
CA THR A 45 3.97 8.52 5.24
C THR A 45 4.21 7.16 4.61
N GLY A 46 4.43 7.15 3.31
CA GLY A 46 4.67 5.88 2.62
C GLY A 46 5.33 6.07 1.30
N VAL A 47 5.45 4.98 0.57
N VAL A 47 5.42 4.98 0.55
CA VAL A 47 5.94 5.04 -0.83
CA VAL A 47 5.95 4.95 -0.84
C VAL A 47 4.73 4.78 -1.73
C VAL A 47 4.77 4.72 -1.77
N LYS A 48 4.60 5.55 -2.79
CA LYS A 48 3.54 5.28 -3.78
C LYS A 48 3.66 3.82 -4.24
N LEU A 49 2.54 3.13 -4.31
CA LEU A 49 2.53 1.77 -4.86
C LEU A 49 3.11 1.79 -6.29
N SER A 50 2.79 2.80 -7.09
N SER A 50 2.80 2.83 -7.07
CA SER A 50 3.31 2.90 -8.47
CA SER A 50 3.28 2.99 -8.47
C SER A 50 4.84 2.86 -8.45
C SER A 50 4.82 3.02 -8.54
N THR A 51 5.46 3.63 -7.55
CA THR A 51 6.93 3.72 -7.43
C THR A 51 7.49 2.36 -7.01
N LEU A 52 6.91 1.78 -5.99
N LEU A 52 6.84 1.66 -6.08
CA LEU A 52 7.38 0.49 -5.47
CA LEU A 52 7.27 0.29 -5.67
C LEU A 52 7.33 -0.57 -6.58
C LEU A 52 7.22 -0.63 -6.90
N LEU A 53 6.21 -0.67 -7.31
N LEU A 53 6.14 -0.56 -7.67
CA LEU A 53 6.00 -1.67 -8.39
CA LEU A 53 6.01 -1.41 -8.88
C LEU A 53 6.98 -1.47 -9.53
C LEU A 53 7.10 -1.00 -9.90
N SER A 54 7.11 -0.24 -10.02
N SER A 54 7.34 0.31 -10.05
CA SER A 54 8.01 0.10 -11.16
CA SER A 54 8.39 0.86 -10.97
C SER A 54 9.45 -0.25 -10.78
C SER A 54 9.76 0.29 -10.61
N GLN A 55 9.87 0.06 -9.55
N GLN A 55 10.12 0.30 -9.33
CA GLN A 55 11.26 -0.16 -9.08
CA GLN A 55 11.46 -0.15 -8.87
C GLN A 55 11.56 -1.65 -8.90
C GLN A 55 11.60 -1.67 -9.01
N GLN A 56 10.54 -2.49 -8.71
N GLN A 56 10.63 -2.43 -8.51
CA GLN A 56 10.75 -3.94 -8.46
CA GLN A 56 10.67 -3.92 -8.43
C GLN A 56 10.34 -4.78 -9.69
C GLN A 56 10.45 -4.62 -9.77
N TYR A 57 9.32 -4.36 -10.45
CA TYR A 57 8.88 -5.09 -11.68
C TYR A 57 9.49 -4.47 -12.94
N GLY A 58 9.81 -3.17 -12.92
CA GLY A 58 10.32 -2.45 -14.09
C GLY A 58 9.20 -1.94 -14.96
N PHE A 59 7.95 -2.07 -14.49
CA PHE A 59 6.72 -1.63 -15.20
C PHE A 59 5.57 -1.62 -14.21
N ILE A 60 4.45 -1.01 -14.55
N ILE A 60 4.44 -1.02 -14.58
CA ILE A 60 3.25 -1.09 -13.65
CA ILE A 60 3.18 -1.01 -13.78
C ILE A 60 2.31 -2.10 -14.28
C ILE A 60 2.28 -2.12 -14.32
N PRO A 61 2.09 -3.25 -13.60
CA PRO A 61 1.21 -4.28 -14.10
C PRO A 61 -0.25 -3.81 -14.17
N ASN A 62 -1.05 -4.59 -14.90
N ASN A 62 -1.06 -4.46 -15.01
CA ASN A 62 -2.50 -4.37 -15.07
CA ASN A 62 -2.50 -4.12 -15.16
C ASN A 62 -3.21 -4.51 -13.73
C ASN A 62 -3.18 -4.25 -13.79
N ARG A 63 -2.84 -5.53 -12.94
N ARG A 63 -2.79 -5.26 -13.02
CA ARG A 63 -3.53 -5.77 -11.66
CA ARG A 63 -3.41 -5.60 -11.72
C ARG A 63 -2.58 -6.52 -10.76
C ARG A 63 -2.41 -6.34 -10.82
N VAL A 64 -2.48 -6.07 -9.52
CA VAL A 64 -1.65 -6.76 -8.50
C VAL A 64 -2.57 -7.22 -7.38
N THR A 65 -2.14 -8.24 -6.68
CA THR A 65 -2.83 -8.77 -5.51
C THR A 65 -1.97 -8.47 -4.28
N LEU A 66 -2.58 -7.89 -3.26
CA LEU A 66 -1.96 -7.57 -1.96
C LEU A 66 -2.50 -8.55 -0.94
N ARG A 67 -1.62 -9.18 -0.17
N ARG A 67 -1.61 -9.20 -0.18
CA ARG A 67 -2.02 -10.19 0.83
CA ARG A 67 -2.00 -10.21 0.83
C ARG A 67 -1.52 -9.77 2.21
C ARG A 67 -1.53 -9.75 2.21
N ALA A 68 -2.42 -9.88 3.19
CA ALA A 68 -2.16 -9.52 4.59
C ALA A 68 -1.59 -10.72 5.36
N LEU A 69 -1.16 -10.43 6.59
N LEU A 69 -1.17 -10.43 6.58
CA LEU A 69 -0.70 -11.45 7.56
CA LEU A 69 -0.68 -11.45 7.53
C LEU A 69 -1.72 -12.59 7.66
C LEU A 69 -1.71 -12.59 7.61
N ASN A 70 -3.02 -12.28 7.72
CA ASN A 70 -4.06 -13.33 7.88
C ASN A 70 -4.51 -13.93 6.54
N ASP A 71 -3.82 -13.66 5.43
N ASP A 71 -3.78 -13.60 5.47
CA ASP A 71 -4.14 -14.25 4.11
CA ASP A 71 -3.90 -14.00 4.05
C ASP A 71 -5.34 -13.56 3.44
C ASP A 71 -5.14 -13.40 3.37
N TYR A 72 -5.87 -12.49 4.02
CA TYR A 72 -6.85 -11.66 3.27
C TYR A 72 -6.10 -11.12 2.04
N ALA A 73 -6.75 -11.17 0.88
CA ALA A 73 -6.15 -10.72 -0.38
C ALA A 73 -7.10 -9.77 -1.09
N ALA A 74 -6.56 -8.71 -1.65
CA ALA A 74 -7.35 -7.76 -2.45
C ALA A 74 -6.56 -7.38 -3.69
N ASP A 75 -7.28 -7.17 -4.78
CA ASP A 75 -6.66 -6.76 -6.05
C ASP A 75 -6.70 -5.24 -6.19
N ILE A 76 -5.66 -4.70 -6.80
CA ILE A 76 -5.56 -3.26 -7.11
C ILE A 76 -5.25 -3.15 -8.60
N ASP A 77 -6.02 -2.29 -9.25
N ASP A 77 -6.07 -2.42 -9.35
CA ASP A 77 -6.02 -2.08 -10.72
CA ASP A 77 -5.92 -2.27 -10.81
C ASP A 77 -5.13 -0.89 -11.09
C ASP A 77 -5.15 -0.99 -11.13
N LEU A 78 -4.45 -1.03 -12.21
N LEU A 78 -4.41 -1.03 -12.23
CA LEU A 78 -3.59 0.04 -12.76
CA LEU A 78 -3.56 0.07 -12.73
C LEU A 78 -4.34 1.37 -12.81
C LEU A 78 -4.33 1.40 -12.83
N SER A 79 -5.60 1.40 -13.27
CA SER A 79 -6.35 2.68 -13.41
C SER A 79 -6.44 3.39 -12.07
N ASP A 80 -6.72 2.63 -11.02
CA ASP A 80 -6.84 3.22 -9.66
C ASP A 80 -5.48 3.67 -9.14
N ILE A 81 -4.43 2.94 -9.46
CA ILE A 81 -3.05 3.35 -9.08
C ILE A 81 -2.76 4.71 -9.71
N GLU A 82 -3.04 4.83 -11.00
N GLU A 82 -3.05 4.87 -11.00
CA GLU A 82 -2.78 6.07 -11.75
CA GLU A 82 -2.71 6.12 -11.70
C GLU A 82 -3.62 7.24 -11.21
C GLU A 82 -3.64 7.28 -11.28
N LYS A 83 -4.92 7.02 -11.03
CA LYS A 83 -5.86 8.11 -10.71
C LYS A 83 -5.72 8.59 -9.26
N TYR A 84 -5.52 7.69 -8.33
CA TYR A 84 -5.57 8.03 -6.89
C TYR A 84 -4.20 7.90 -6.19
N GLN A 85 -3.26 7.18 -6.79
CA GLN A 85 -1.87 7.05 -6.28
C GLN A 85 -1.86 6.62 -4.81
N PRO A 86 -2.39 5.43 -4.49
CA PRO A 86 -2.30 4.93 -3.14
C PRO A 86 -0.83 4.72 -2.73
N ILE A 87 -0.59 4.78 -1.42
CA ILE A 87 0.75 4.56 -0.86
C ILE A 87 0.78 3.31 0.00
N VAL A 88 1.93 2.64 0.01
CA VAL A 88 2.23 1.63 1.05
C VAL A 88 2.79 2.43 2.23
N ALA A 89 1.92 2.70 3.20
CA ALA A 89 2.30 3.49 4.38
C ALA A 89 3.13 2.66 5.34
N TYR A 90 4.12 3.33 5.92
CA TYR A 90 4.98 2.74 6.97
C TYR A 90 5.04 3.62 8.22
N ARG A 91 4.25 4.68 8.27
N ARG A 91 4.35 4.77 8.23
CA ARG A 91 4.27 5.63 9.39
CA ARG A 91 4.21 5.60 9.45
C ARG A 91 2.90 6.29 9.47
C ARG A 91 2.81 6.17 9.47
N GLN A 92 2.36 6.45 10.68
CA GLN A 92 1.05 7.07 10.93
C GLN A 92 1.28 8.14 12.00
N ASP A 93 0.96 9.38 11.69
CA ASP A 93 1.20 10.54 12.58
C ASP A 93 2.68 10.57 13.00
N GLY A 94 3.56 10.21 12.07
CA GLY A 94 5.01 10.31 12.25
C GLY A 94 5.65 9.17 13.01
N LYS A 95 4.87 8.17 13.41
N LYS A 95 4.88 8.17 13.42
CA LYS A 95 5.33 7.05 14.25
CA LYS A 95 5.37 7.04 14.24
C LYS A 95 5.18 5.75 13.48
C LYS A 95 5.14 5.72 13.51
N PRO A 96 5.99 4.72 13.78
N PRO A 96 6.02 4.73 13.74
CA PRO A 96 5.80 3.44 13.11
CA PRO A 96 5.80 3.40 13.20
C PRO A 96 4.53 2.77 13.64
C PRO A 96 4.43 2.85 13.61
N MSE A 97 3.97 1.84 12.85
CA MSE A 97 2.75 1.13 13.20
C MSE A 97 3.11 -0.25 13.76
O MSE A 97 3.89 -0.98 13.15
CB MSE A 97 1.84 1.01 11.96
CG MSE A 97 1.27 2.34 11.49
SE MSE A 97 0.27 2.24 9.83
CE MSE A 97 1.69 1.67 8.69
N ARG A 98 2.53 -0.61 14.90
N ARG A 98 2.49 -0.61 14.89
CA ARG A 98 2.82 -1.90 15.49
CA ARG A 98 2.74 -1.89 15.54
C ARG A 98 2.45 -3.03 14.53
C ARG A 98 2.42 -3.04 14.56
N VAL A 99 3.29 -4.05 14.47
CA VAL A 99 3.10 -5.17 13.51
C VAL A 99 1.91 -6.04 13.91
N ARG A 100 1.47 -6.01 15.16
CA ARG A 100 0.29 -6.83 15.54
C ARG A 100 -1.01 -6.04 15.38
N ASP A 101 -0.94 -4.76 15.04
CA ASP A 101 -2.11 -3.89 14.76
C ASP A 101 -2.27 -3.74 13.25
N LYS A 102 -1.84 -2.64 12.65
N LYS A 102 -1.89 -2.59 12.69
CA LYS A 102 -2.01 -2.51 11.19
CA LYS A 102 -2.02 -2.30 11.24
C LYS A 102 -0.67 -2.44 10.49
C LYS A 102 -0.68 -2.44 10.50
N GLY A 103 0.43 -2.50 11.24
CA GLY A 103 1.76 -2.42 10.64
C GLY A 103 2.32 -3.75 10.18
N PRO A 104 3.56 -3.73 9.67
CA PRO A 104 4.36 -2.51 9.51
C PRO A 104 3.94 -1.68 8.28
N PHE A 105 3.18 -2.31 7.38
CA PHE A 105 2.79 -1.72 6.09
C PHE A 105 1.27 -1.75 5.95
N TRP A 106 0.72 -0.65 5.43
CA TRP A 106 -0.74 -0.53 5.21
C TRP A 106 -0.96 0.24 3.93
N LEU A 107 -1.65 -0.37 2.96
N LEU A 107 -1.57 -0.38 2.92
CA LEU A 107 -2.04 0.32 1.69
CA LEU A 107 -1.90 0.34 1.67
C LEU A 107 -3.11 1.35 2.03
C LEU A 107 -3.07 1.26 1.96
N ILE A 108 -2.80 2.62 1.73
N ILE A 108 -2.89 2.57 1.81
CA ILE A 108 -3.68 3.80 2.01
CA ILE A 108 -4.02 3.51 2.01
C ILE A 108 -4.04 4.55 0.73
C ILE A 108 -4.12 4.41 0.79
N TYR A 109 -5.33 4.74 0.50
N TYR A 109 -5.38 4.71 0.46
CA TYR A 109 -5.80 5.70 -0.51
CA TYR A 109 -5.77 5.71 -0.57
C TYR A 109 -6.06 7.04 0.17
C TYR A 109 -6.10 7.01 0.13
N PRO A 110 -5.89 8.16 -0.56
CA PRO A 110 -6.19 9.48 -0.01
C PRO A 110 -7.71 9.76 -0.09
N GLN A 111 -8.46 9.03 0.71
CA GLN A 111 -9.94 9.07 0.69
C GLN A 111 -10.45 10.52 0.75
N SER A 112 -9.92 11.31 1.69
CA SER A 112 -10.43 12.69 1.89
C SER A 112 -10.23 13.56 0.66
N SER A 113 -9.26 13.24 -0.21
CA SER A 113 -9.02 14.01 -1.43
C SER A 113 -9.99 13.66 -2.56
N PHE A 114 -10.69 12.53 -2.47
CA PHE A 114 -11.66 12.08 -3.51
C PHE A 114 -12.84 11.45 -2.80
N PRO A 115 -13.62 12.25 -2.05
CA PRO A 115 -14.59 11.63 -1.13
C PRO A 115 -15.63 10.72 -1.77
N LYS A 116 -16.30 11.19 -2.81
CA LYS A 116 -17.38 10.37 -3.39
C LYS A 116 -16.82 9.13 -4.09
N GLU A 117 -15.66 9.27 -4.71
N GLU A 117 -15.66 9.21 -4.71
CA GLU A 117 -15.06 8.14 -5.47
CA GLU A 117 -15.17 8.02 -5.45
C GLU A 117 -14.54 7.05 -4.52
C GLU A 117 -14.45 7.03 -4.55
N LEU A 118 -13.93 7.46 -3.41
CA LEU A 118 -13.14 6.53 -2.56
C LEU A 118 -13.81 6.14 -1.26
N ASN A 119 -14.73 6.92 -0.70
CA ASN A 119 -15.31 6.60 0.62
C ASN A 119 -16.44 5.58 0.44
N ASN A 120 -16.05 4.33 0.28
CA ASN A 120 -16.99 3.21 0.02
C ASN A 120 -16.20 1.92 0.18
N GLU A 121 -16.92 0.83 0.30
N GLU A 121 -16.90 0.80 0.35
CA GLU A 121 -16.31 -0.49 0.57
CA GLU A 121 -16.21 -0.49 0.59
C GLU A 121 -15.50 -0.96 -0.64
C GLU A 121 -15.45 -0.95 -0.65
N ARG A 122 -15.85 -0.53 -1.84
CA ARG A 122 -15.08 -0.91 -3.04
C ARG A 122 -13.60 -0.53 -2.84
N TYR A 123 -13.31 0.65 -2.30
CA TYR A 123 -11.92 1.09 -2.04
C TYR A 123 -11.48 0.72 -0.61
N HIS A 124 -12.35 0.77 0.38
CA HIS A 124 -11.90 0.39 1.74
C HIS A 124 -11.32 -1.02 1.72
N SER A 125 -11.93 -1.93 0.97
N SER A 125 -11.96 -1.93 0.98
CA SER A 125 -11.51 -3.34 0.94
CA SER A 125 -11.55 -3.36 0.83
C SER A 125 -10.14 -3.52 0.28
C SER A 125 -10.11 -3.49 0.35
N GLN A 126 -9.64 -2.51 -0.43
CA GLN A 126 -8.29 -2.59 -1.03
C GLN A 126 -7.19 -2.12 -0.06
N MSE A 127 -7.59 -1.50 1.05
CA MSE A 127 -6.61 -0.91 1.98
C MSE A 127 -6.13 -1.96 2.95
O MSE A 127 -6.52 -2.01 4.11
CB MSE A 127 -7.22 0.33 2.64
CG MSE A 127 -7.54 1.39 1.62
SE MSE A 127 -8.00 3.10 2.42
CE MSE A 127 -9.49 3.61 1.24
N VAL A 128 -5.29 -2.85 2.41
CA VAL A 128 -4.76 -4.00 3.12
C VAL A 128 -3.74 -3.57 4.18
N TRP A 129 -4.06 -3.80 5.44
CA TRP A 129 -3.13 -3.59 6.57
C TRP A 129 -2.39 -4.90 6.85
N GLN A 130 -1.33 -4.80 7.65
CA GLN A 130 -0.43 -5.95 7.89
C GLN A 130 -0.06 -6.55 6.52
N LEU A 131 0.24 -5.69 5.57
CA LEU A 131 0.56 -6.13 4.20
C LEU A 131 1.88 -6.90 4.21
N LYS A 132 1.91 -8.09 3.61
N LYS A 132 1.84 -8.12 3.66
CA LYS A 132 3.17 -8.87 3.62
CA LYS A 132 2.96 -9.09 3.67
C LYS A 132 3.52 -9.44 2.24
C LYS A 132 3.47 -9.47 2.28
N GLN A 133 2.65 -9.38 1.24
CA GLN A 133 3.02 -9.93 -0.09
C GLN A 133 2.30 -9.17 -1.17
N ILE A 134 2.99 -8.97 -2.28
CA ILE A 134 2.43 -8.43 -3.54
C ILE A 134 2.80 -9.38 -4.67
N HIS A 135 1.86 -9.69 -5.54
CA HIS A 135 2.15 -10.45 -6.77
C HIS A 135 1.24 -9.95 -7.89
N ILE A 136 1.62 -10.21 -9.12
CA ILE A 136 0.75 -9.86 -10.27
C ILE A 136 -0.50 -10.75 -10.13
N ALA A 137 -1.68 -10.18 -10.36
CA ALA A 137 -2.97 -10.87 -10.13
C ALA A 137 -3.15 -12.02 -11.12
C FMT B . -14.61 11.43 2.81
O1 FMT B . -14.12 11.10 3.86
O2 FMT B . -15.71 10.96 2.33
C FMT C . -5.32 3.43 13.55
O1 FMT C . -5.48 4.37 14.31
O2 FMT C . -5.67 2.21 13.79
NA NA D . -13.42 -5.42 -2.65
#